data_7DN1
#
_entry.id   7DN1
#
_cell.length_a   69.589
_cell.length_b   114.676
_cell.length_c   127.752
_cell.angle_alpha   90.000
_cell.angle_beta   90.000
_cell.angle_gamma   90.000
#
_symmetry.space_group_name_H-M   'C 2 2 21'
#
loop_
_entity.id
_entity.type
_entity.pdbx_description
1 polymer 'Carbonyl Reductase'
2 polymer '(S)-specific carbonyl reductase'
3 non-polymer 'NADPH DIHYDRO-NICOTINAMIDE-ADENINE-DINUCLEOTIDE PHOSPHATE'
4 water water
#
loop_
_entity_poly.entity_id
_entity_poly.type
_entity_poly.pdbx_seq_one_letter_code
_entity_poly.pdbx_strand_id
1 'polypeptide(L)'
;SMGEIESYCNKELGPLPTKAPTLSKNVLDLFSLKGKVASVTGSSGGIGWAVAEAYAQAGADVAIWYNSHPADEKAEHLQK
TYGVHSKAYKCNISDPKSVEETISQQEKDFGTIDVFVANAGVTWTQGPEIDVDNYDSWNKIISVDLNGVYYCSHNIGKIF
KKNGKGSLIITSSISGKIVNIPQLQAPYNTAKAACTHLAKSLAIEWAPFARVNTISPGYIDTDITDFASKDMKAKWWQLT
PLGREGLTQELVGGYLYLASNASTFTTGSDVVIDGGYTCP
;
A
2 'polypeptide(L)'
;SMGEIESYCNKELGPLPTKAPTLSKNVLDLFSLKGKVASVTGSSGGIGWAVAEAYAQAGADVAIWYNSHPADEKAEHLQK
TYGVRSKAYKCNISDPKSVEETISQQEKDFGTIDVFVANAGVPWTEGPEINVDNYDSWNKIINLDLNGVYYCAHTVGKIF
KKNGKGSLVITSSMSGTIVNVPQLQAAYNAAKAACTHLTKSLAVEWAPFARVNCVSPGYIATEISDFVEKDMKAKWWQLT
PLGREGLAQELVGAYLYLASNASTYTTGANLAVDGGYTCP
;
B
#
# COMPACT_ATOMS: atom_id res chain seq x y z
N SER A 1 26.33 27.11 2.15
CA SER A 1 25.92 25.83 2.70
C SER A 1 26.18 25.71 4.20
N MET A 2 27.16 26.47 4.71
CA MET A 2 27.25 26.68 6.16
C MET A 2 25.91 27.17 6.69
N GLY A 3 25.46 26.56 7.77
CA GLY A 3 24.19 26.95 8.35
C GLY A 3 23.00 26.26 7.73
N GLU A 4 23.22 25.13 7.07
CA GLU A 4 22.16 24.34 6.48
C GLU A 4 22.45 22.87 6.73
N ILE A 5 21.40 22.10 7.01
CA ILE A 5 21.49 20.65 6.95
C ILE A 5 21.20 20.26 5.51
N GLU A 6 22.20 19.71 4.83
CA GLU A 6 22.09 19.36 3.43
C GLU A 6 21.74 17.88 3.29
N SER A 7 20.76 17.58 2.44
CA SER A 7 20.35 16.19 2.22
C SER A 7 21.51 15.40 1.63
N TYR A 8 21.66 14.16 2.07
CA TYR A 8 22.49 13.19 1.37
C TYR A 8 21.79 12.61 0.14
N CYS A 9 20.45 12.65 0.09
CA CYS A 9 19.72 12.12 -1.08
C CYS A 9 19.62 13.12 -2.22
N ASN A 10 19.20 14.35 -1.94
CA ASN A 10 18.87 15.29 -3.01
C ASN A 10 18.99 16.71 -2.45
N LYS A 11 20.10 17.38 -2.78
CA LYS A 11 20.31 18.72 -2.26
C LYS A 11 19.27 19.71 -2.78
N GLU A 12 18.54 19.35 -3.83
CA GLU A 12 17.50 20.27 -4.28
C GLU A 12 16.29 20.29 -3.36
N LEU A 13 16.27 19.45 -2.31
CA LEU A 13 15.26 19.62 -1.26
C LEU A 13 15.42 20.93 -0.51
N GLY A 14 16.62 21.52 -0.52
CA GLY A 14 16.88 22.70 0.25
C GLY A 14 17.26 22.36 1.67
N PRO A 15 17.44 23.37 2.50
CA PRO A 15 17.84 23.11 3.89
C PRO A 15 16.81 22.29 4.63
N LEU A 16 17.27 21.33 5.39
CA LEU A 16 16.38 20.37 6.02
C LEU A 16 16.04 20.81 7.44
N PRO A 17 14.89 20.37 7.99
CA PRO A 17 13.90 19.48 7.35
C PRO A 17 12.96 20.23 6.40
N THR A 18 12.48 19.52 5.38
CA THR A 18 11.43 20.06 4.52
C THR A 18 10.16 20.15 5.35
N LYS A 19 9.15 20.80 4.81
CA LYS A 19 8.02 21.00 5.68
C LYS A 19 6.83 20.16 5.22
N ALA A 20 6.13 19.60 6.21
CA ALA A 20 5.05 18.67 5.95
C ALA A 20 3.82 19.41 5.41
N PRO A 21 3.02 18.75 4.57
CA PRO A 21 1.80 19.39 4.06
C PRO A 21 0.79 19.59 5.17
N THR A 22 -0.09 20.56 4.97
CA THR A 22 -1.24 20.75 5.84
C THR A 22 -2.39 19.90 5.30
N LEU A 23 -2.81 18.93 6.09
CA LEU A 23 -3.78 17.93 5.67
C LEU A 23 -5.09 18.10 6.43
N SER A 24 -6.17 17.62 5.83
CA SER A 24 -7.42 17.55 6.58
C SER A 24 -7.25 16.60 7.76
N LYS A 25 -7.91 16.92 8.86
CA LYS A 25 -7.91 16.00 9.99
C LYS A 25 -8.90 14.85 9.80
N ASN A 26 -9.67 14.85 8.72
CA ASN A 26 -10.62 13.80 8.40
C ASN A 26 -10.03 12.88 7.33
N VAL A 27 -9.96 11.58 7.62
CA VAL A 27 -9.25 10.65 6.74
C VAL A 27 -9.95 10.52 5.38
N LEU A 28 -11.28 10.59 5.37
CA LEU A 28 -12.02 10.45 4.11
C LEU A 28 -11.70 11.58 3.15
N ASP A 29 -11.58 12.82 3.66
CA ASP A 29 -11.26 13.94 2.78
C ASP A 29 -9.93 13.73 2.06
N LEU A 30 -9.01 12.95 2.65
CA LEU A 30 -7.69 12.78 2.07
C LEU A 30 -7.74 12.05 0.73
N PHE A 31 -8.77 11.25 0.49
CA PHE A 31 -8.86 10.46 -0.73
C PHE A 31 -9.49 11.20 -1.89
N SER A 32 -9.94 12.44 -1.69
CA SER A 32 -10.58 13.19 -2.76
C SER A 32 -9.56 13.62 -3.80
N LEU A 33 -9.99 13.58 -5.07
CA LEU A 33 -9.22 14.16 -6.15
C LEU A 33 -9.91 15.38 -6.76
N LYS A 34 -10.77 16.05 -6.00
CA LYS A 34 -11.46 17.22 -6.50
C LYS A 34 -10.47 18.33 -6.85
N GLY A 35 -10.63 18.91 -8.03
CA GLY A 35 -9.74 19.93 -8.52
C GLY A 35 -8.45 19.43 -9.11
N LYS A 36 -8.33 18.13 -9.39
CA LYS A 36 -7.09 17.55 -9.84
C LYS A 36 -7.28 16.92 -11.21
N VAL A 37 -6.22 16.90 -12.00
CA VAL A 37 -6.22 16.32 -13.34
C VAL A 37 -5.38 15.05 -13.32
N ALA A 38 -5.94 13.97 -13.83
CA ALA A 38 -5.25 12.69 -13.89
C ALA A 38 -5.12 12.25 -15.34
N SER A 39 -4.02 11.55 -15.63
CA SER A 39 -3.73 11.04 -16.96
C SER A 39 -3.30 9.59 -16.79
N VAL A 40 -4.05 8.68 -17.41
CA VAL A 40 -3.92 7.23 -17.19
C VAL A 40 -3.63 6.59 -18.54
N THR A 41 -2.42 6.09 -18.73
CA THR A 41 -2.13 5.43 -19.99
C THR A 41 -2.72 4.03 -20.00
N GLY A 42 -2.88 3.49 -21.20
CA GLY A 42 -3.45 2.16 -21.34
C GLY A 42 -4.86 2.08 -20.80
N SER A 43 -5.63 3.14 -20.98
CA SER A 43 -6.90 3.30 -20.30
C SER A 43 -8.06 2.84 -21.19
N SER A 44 -7.74 2.39 -22.41
CA SER A 44 -8.68 1.56 -23.16
C SER A 44 -8.70 0.13 -22.67
N GLY A 45 -7.76 -0.26 -21.80
CA GLY A 45 -7.67 -1.62 -21.31
C GLY A 45 -8.29 -1.79 -19.93
N GLY A 46 -8.17 -3.01 -19.42
CA GLY A 46 -8.89 -3.44 -18.23
C GLY A 46 -8.57 -2.68 -16.97
N ILE A 47 -7.31 -2.76 -16.54
CA ILE A 47 -6.88 -2.07 -15.33
C ILE A 47 -6.97 -0.56 -15.52
N GLY A 48 -6.54 -0.06 -16.68
CA GLY A 48 -6.51 1.39 -16.89
C GLY A 48 -7.89 2.02 -16.85
N TRP A 49 -8.89 1.33 -17.41
CA TRP A 49 -10.25 1.87 -17.39
C TRP A 49 -10.82 1.89 -15.99
N ALA A 50 -10.62 0.81 -15.23
CA ALA A 50 -11.07 0.77 -13.84
C ALA A 50 -10.49 1.93 -13.04
N VAL A 51 -9.17 2.15 -13.16
CA VAL A 51 -8.51 3.24 -12.44
C VAL A 51 -9.04 4.58 -12.92
N ALA A 52 -9.11 4.76 -14.23
CA ALA A 52 -9.64 6.00 -14.78
C ALA A 52 -11.06 6.27 -14.29
N GLU A 53 -11.94 5.26 -14.30
CA GLU A 53 -13.30 5.53 -13.86
C GLU A 53 -13.31 5.95 -12.40
N ALA A 54 -12.46 5.30 -11.62
CA ALA A 54 -12.37 5.54 -10.17
C ALA A 54 -11.85 6.93 -9.87
N TYR A 55 -10.86 7.37 -10.65
CA TYR A 55 -10.36 8.73 -10.46
C TYR A 55 -11.44 9.76 -10.76
N ALA A 56 -12.27 9.48 -11.77
CA ALA A 56 -13.41 10.35 -12.05
C ALA A 56 -14.40 10.36 -10.89
N GLN A 57 -14.66 9.18 -10.31
CA GLN A 57 -15.52 9.11 -9.13
C GLN A 57 -14.99 9.97 -7.98
N ALA A 58 -13.67 9.98 -7.78
CA ALA A 58 -13.06 10.73 -6.70
C ALA A 58 -12.97 12.22 -6.98
N GLY A 59 -13.39 12.67 -8.16
CA GLY A 59 -13.52 14.09 -8.45
C GLY A 59 -12.57 14.60 -9.51
N ALA A 60 -11.76 13.75 -10.13
CA ALA A 60 -10.69 14.18 -11.01
C ALA A 60 -11.13 14.27 -12.47
N ASP A 61 -10.58 15.26 -13.18
CA ASP A 61 -10.53 15.24 -14.63
C ASP A 61 -9.60 14.11 -15.09
N VAL A 62 -9.94 13.44 -16.19
CA VAL A 62 -9.20 12.25 -16.58
C VAL A 62 -8.87 12.30 -18.07
N ALA A 63 -7.59 12.19 -18.39
CA ALA A 63 -7.13 12.00 -19.76
C ALA A 63 -6.97 10.51 -20.05
N ILE A 64 -7.72 10.01 -21.03
CA ILE A 64 -7.73 8.61 -21.41
C ILE A 64 -6.73 8.38 -22.53
N TRP A 65 -5.98 7.29 -22.47
CA TRP A 65 -5.05 6.96 -23.53
C TRP A 65 -5.46 5.65 -24.19
N TYR A 66 -5.29 5.58 -25.51
CA TYR A 66 -5.49 4.33 -26.23
C TYR A 66 -4.49 4.28 -27.37
N ASN A 67 -4.34 3.09 -27.95
CA ASN A 67 -3.49 2.93 -29.13
C ASN A 67 -4.27 2.33 -30.29
N SER A 68 -4.62 1.05 -30.23
CA SER A 68 -5.31 0.38 -31.33
C SER A 68 -6.81 0.24 -31.09
N HIS A 69 -7.30 0.60 -29.91
CA HIS A 69 -8.73 0.60 -29.63
C HIS A 69 -9.18 1.97 -29.16
N PRO A 70 -9.69 2.82 -30.06
CA PRO A 70 -10.25 4.11 -29.65
C PRO A 70 -11.19 3.99 -28.46
N ALA A 71 -10.97 4.90 -27.48
CA ALA A 71 -11.70 4.97 -26.22
C ALA A 71 -12.36 6.34 -26.05
N ASP A 72 -12.67 7.01 -27.17
CA ASP A 72 -13.40 8.26 -27.11
C ASP A 72 -14.73 8.08 -26.41
N GLU A 73 -15.38 6.94 -26.61
CA GLU A 73 -16.65 6.67 -25.95
C GLU A 73 -16.49 6.50 -24.44
N LYS A 74 -15.33 6.01 -23.99
CA LYS A 74 -15.08 5.94 -22.55
C LYS A 74 -14.92 7.33 -21.95
N ALA A 75 -14.17 8.20 -22.61
CA ALA A 75 -14.01 9.57 -22.13
C ALA A 75 -15.35 10.28 -22.09
N GLU A 76 -16.13 10.16 -23.17
CA GLU A 76 -17.46 10.74 -23.22
C GLU A 76 -18.33 10.20 -22.08
N HIS A 77 -18.23 8.90 -21.79
CA HIS A 77 -18.97 8.33 -20.69
C HIS A 77 -18.57 8.95 -19.35
N LEU A 78 -17.29 9.27 -19.16
CA LEU A 78 -16.89 9.87 -17.89
C LEU A 78 -17.51 11.25 -17.71
N GLN A 79 -17.69 11.99 -18.80
CA GLN A 79 -18.15 13.35 -18.63
C GLN A 79 -19.65 13.38 -18.37
N LYS A 80 -20.40 12.51 -19.06
CA LYS A 80 -21.84 12.45 -18.89
C LYS A 80 -22.22 11.78 -17.56
N THR A 81 -21.39 10.88 -17.05
CA THR A 81 -21.74 10.20 -15.81
C THR A 81 -21.30 10.97 -14.58
N TYR A 82 -20.09 11.56 -14.58
CA TYR A 82 -19.57 12.21 -13.39
C TYR A 82 -19.37 13.72 -13.55
N GLY A 83 -19.58 14.26 -14.75
CA GLY A 83 -19.47 15.70 -14.91
C GLY A 83 -18.08 16.25 -14.92
N VAL A 84 -17.06 15.40 -14.94
CA VAL A 84 -15.66 15.83 -15.04
C VAL A 84 -15.30 16.04 -16.50
N HIS A 85 -14.16 16.68 -16.75
CA HIS A 85 -13.63 16.80 -18.10
C HIS A 85 -12.85 15.54 -18.44
N SER A 86 -13.10 14.99 -19.63
CA SER A 86 -12.31 13.83 -20.06
C SER A 86 -12.23 13.78 -21.57
N LYS A 87 -11.06 13.40 -22.06
CA LYS A 87 -10.77 13.29 -23.49
C LYS A 87 -9.86 12.08 -23.67
N ALA A 88 -9.91 11.49 -24.87
CA ALA A 88 -9.11 10.32 -25.18
C ALA A 88 -8.06 10.66 -26.22
N TYR A 89 -6.87 10.07 -26.06
CA TYR A 89 -5.71 10.40 -26.88
C TYR A 89 -5.08 9.14 -27.45
N LYS A 90 -4.76 9.18 -28.74
CA LYS A 90 -4.14 8.06 -29.43
C LYS A 90 -2.63 8.25 -29.45
N CYS A 91 -1.90 7.28 -28.89
CA CYS A 91 -0.45 7.38 -28.85
C CYS A 91 0.18 5.99 -28.79
N ASN A 92 1.19 5.76 -29.63
CA ASN A 92 2.08 4.62 -29.48
C ASN A 92 3.19 5.03 -28.54
N ILE A 93 3.13 4.54 -27.30
CA ILE A 93 4.11 4.90 -26.28
C ILE A 93 5.52 4.39 -26.56
N SER A 94 5.71 3.48 -27.52
CA SER A 94 7.07 3.17 -27.93
C SER A 94 7.72 4.33 -28.66
N ASP A 95 6.93 5.29 -29.14
CA ASP A 95 7.41 6.43 -29.89
C ASP A 95 7.65 7.59 -28.93
N PRO A 96 8.89 7.95 -28.61
CA PRO A 96 9.08 9.03 -27.63
C PRO A 96 8.60 10.40 -28.04
N LYS A 97 8.71 10.84 -29.31
CA LYS A 97 8.09 12.09 -29.76
C LYS A 97 6.57 12.17 -29.59
N SER A 98 5.94 11.03 -29.78
CA SER A 98 4.51 10.95 -29.68
C SER A 98 4.08 11.06 -28.23
N VAL A 99 4.82 10.43 -27.31
CA VAL A 99 4.61 10.63 -25.88
C VAL A 99 4.74 12.10 -25.51
N GLU A 100 5.86 12.70 -25.91
CA GLU A 100 6.07 14.11 -25.60
C GLU A 100 4.92 14.95 -26.12
N GLU A 101 4.48 14.68 -27.35
CA GLU A 101 3.45 15.53 -27.94
C GLU A 101 2.09 15.30 -27.30
N THR A 102 1.81 14.07 -26.89
CA THR A 102 0.53 13.78 -26.24
C THR A 102 0.43 14.46 -24.88
N ILE A 103 1.46 14.29 -24.05
CA ILE A 103 1.40 14.89 -22.72
C ILE A 103 1.37 16.41 -22.81
N SER A 104 2.12 16.97 -23.77
CA SER A 104 2.14 18.43 -23.91
C SER A 104 0.76 18.95 -24.30
N GLN A 105 0.04 18.19 -25.12
CA GLN A 105 -1.30 18.60 -25.51
C GLN A 105 -2.28 18.45 -24.35
N GLN A 106 -2.13 17.37 -23.57
CA GLN A 106 -2.97 17.19 -22.40
C GLN A 106 -2.80 18.33 -21.41
N GLU A 107 -1.56 18.79 -21.23
CA GLU A 107 -1.35 19.93 -20.34
C GLU A 107 -2.03 21.18 -20.88
N LYS A 108 -2.05 21.35 -22.21
CA LYS A 108 -2.77 22.47 -22.80
C LYS A 108 -4.29 22.33 -22.59
N ASP A 109 -4.84 21.15 -22.90
CA ASP A 109 -6.29 20.96 -22.87
C ASP A 109 -6.86 20.96 -21.45
N PHE A 110 -6.10 20.45 -20.48
CA PHE A 110 -6.58 20.34 -19.12
C PHE A 110 -6.02 21.41 -18.19
N GLY A 111 -4.95 22.11 -18.59
CA GLY A 111 -4.32 23.15 -17.81
C GLY A 111 -3.10 22.68 -17.03
N THR A 112 -3.12 21.45 -16.56
CA THR A 112 -2.04 20.85 -15.79
C THR A 112 -2.28 19.35 -15.71
N ILE A 113 -1.31 18.64 -15.17
CA ILE A 113 -1.46 17.24 -14.78
C ILE A 113 -0.95 17.09 -13.35
N ASP A 114 -1.83 16.61 -12.47
CA ASP A 114 -1.53 16.38 -11.06
C ASP A 114 -1.16 14.94 -10.76
N VAL A 115 -1.76 13.99 -11.47
CA VAL A 115 -1.59 12.57 -11.23
C VAL A 115 -1.34 11.90 -12.58
N PHE A 116 -0.33 11.04 -12.64
CA PHE A 116 0.00 10.33 -13.86
C PHE A 116 0.14 8.84 -13.55
N VAL A 117 -0.54 7.99 -14.32
CA VAL A 117 -0.44 6.54 -14.18
C VAL A 117 0.16 5.98 -15.45
N ALA A 118 1.37 5.43 -15.34
CA ALA A 118 2.08 4.81 -16.47
C ALA A 118 1.73 3.33 -16.44
N ASN A 119 0.72 2.95 -17.23
CA ASN A 119 0.02 1.68 -17.07
C ASN A 119 0.00 0.83 -18.34
N ALA A 120 0.08 1.43 -19.52
CA ALA A 120 0.05 0.67 -20.76
C ALA A 120 1.17 -0.37 -20.80
N GLY A 121 0.87 -1.54 -21.37
CA GLY A 121 1.88 -2.58 -21.44
C GLY A 121 1.39 -3.76 -22.26
N VAL A 122 2.35 -4.60 -22.67
CA VAL A 122 2.05 -5.82 -23.40
C VAL A 122 2.78 -6.98 -22.75
N THR A 123 2.21 -8.18 -22.88
CA THR A 123 2.84 -9.37 -22.34
C THR A 123 3.69 -10.11 -23.37
N TRP A 124 4.59 -10.92 -22.82
CA TRP A 124 5.33 -11.91 -23.57
C TRP A 124 4.54 -13.21 -23.55
N THR A 125 4.31 -13.79 -24.74
CA THR A 125 3.47 -14.98 -24.84
C THR A 125 4.15 -16.10 -25.63
N GLN A 126 5.48 -16.06 -25.76
CA GLN A 126 6.17 -16.96 -26.68
C GLN A 126 6.93 -18.07 -25.98
N GLY A 127 6.70 -18.28 -24.70
CA GLY A 127 7.35 -19.36 -24.00
C GLY A 127 8.81 -19.06 -23.73
N PRO A 128 9.60 -20.11 -23.51
CA PRO A 128 11.00 -19.89 -23.13
C PRO A 128 11.81 -19.17 -24.21
N GLU A 129 12.48 -18.12 -23.78
CA GLU A 129 13.42 -17.33 -24.58
C GLU A 129 14.42 -18.11 -25.43
N ILE A 130 14.89 -19.27 -24.94
CA ILE A 130 15.95 -19.98 -25.66
C ILE A 130 15.51 -20.34 -27.08
N ASP A 131 14.20 -20.48 -27.31
CA ASP A 131 13.67 -20.91 -28.59
C ASP A 131 13.23 -19.76 -29.48
N VAL A 132 13.31 -18.52 -29.00
CA VAL A 132 12.96 -17.34 -29.78
C VAL A 132 14.29 -16.75 -30.21
N ASP A 133 14.77 -17.20 -31.36
CA ASP A 133 16.04 -16.70 -31.85
C ASP A 133 15.94 -15.31 -32.40
N ASN A 134 14.75 -14.76 -32.51
CA ASN A 134 14.65 -13.53 -33.25
C ASN A 134 14.40 -12.47 -32.18
N TYR A 135 15.11 -11.34 -32.24
CA TYR A 135 15.09 -10.37 -31.14
C TYR A 135 13.97 -9.32 -31.19
N ASP A 136 13.14 -9.29 -32.25
CA ASP A 136 11.90 -8.50 -32.27
C ASP A 136 11.10 -8.56 -31.00
N SER A 137 10.81 -9.77 -30.50
CA SER A 137 9.87 -9.84 -29.38
C SER A 137 10.50 -9.34 -28.09
N TRP A 138 11.79 -9.63 -27.85
CA TRP A 138 12.47 -8.99 -26.72
C TRP A 138 12.43 -7.47 -26.88
N ASN A 139 12.72 -6.98 -28.07
CA ASN A 139 12.74 -5.55 -28.32
C ASN A 139 11.35 -4.94 -28.13
N LYS A 140 10.31 -5.68 -28.53
CA LYS A 140 8.95 -5.18 -28.34
C LYS A 140 8.62 -4.98 -26.87
N ILE A 141 8.97 -5.96 -26.03
CA ILE A 141 8.69 -5.85 -24.59
C ILE A 141 9.47 -4.68 -24.00
N ILE A 142 10.76 -4.60 -24.29
CA ILE A 142 11.58 -3.54 -23.68
C ILE A 142 11.11 -2.17 -24.14
N SER A 143 10.76 -2.02 -25.43
CA SER A 143 10.33 -0.72 -25.95
C SER A 143 9.08 -0.20 -25.24
N VAL A 144 8.07 -1.05 -25.10
CA VAL A 144 6.78 -0.62 -24.57
C VAL A 144 6.78 -0.61 -23.05
N ASP A 145 7.22 -1.72 -22.45
CA ASP A 145 7.05 -1.92 -21.02
C ASP A 145 8.13 -1.26 -20.18
N LEU A 146 9.26 -0.88 -20.78
CA LEU A 146 10.32 -0.18 -20.04
C LEU A 146 10.59 1.18 -20.64
N ASN A 147 11.05 1.26 -21.89
CA ASN A 147 11.35 2.55 -22.49
C ASN A 147 10.12 3.44 -22.52
N GLY A 148 8.96 2.88 -22.87
CA GLY A 148 7.76 3.69 -22.93
C GLY A 148 7.38 4.26 -21.57
N VAL A 149 7.59 3.48 -20.52
CA VAL A 149 7.33 3.98 -19.17
C VAL A 149 8.27 5.12 -18.84
N TYR A 150 9.53 5.03 -19.30
CA TYR A 150 10.46 6.12 -19.04
C TYR A 150 10.12 7.36 -19.85
N TYR A 151 9.69 7.19 -21.11
CA TYR A 151 9.27 8.35 -21.90
C TYR A 151 8.17 9.12 -21.18
N CYS A 152 7.15 8.40 -20.67
CA CYS A 152 6.08 9.04 -19.93
C CYS A 152 6.61 9.74 -18.68
N SER A 153 7.45 9.04 -17.90
CA SER A 153 7.96 9.61 -16.65
C SER A 153 8.79 10.86 -16.91
N HIS A 154 9.69 10.78 -17.88
CA HIS A 154 10.60 11.89 -18.14
C HIS A 154 9.83 13.14 -18.55
N ASN A 155 8.80 12.98 -19.38
CA ASN A 155 8.02 14.12 -19.82
C ASN A 155 7.07 14.64 -18.74
N ILE A 156 6.38 13.76 -18.02
CA ILE A 156 5.51 14.24 -16.96
C ILE A 156 6.32 14.86 -15.82
N GLY A 157 7.52 14.34 -15.56
CA GLY A 157 8.34 14.89 -14.49
C GLY A 157 8.61 16.38 -14.67
N LYS A 158 8.74 16.83 -15.92
CA LYS A 158 9.01 18.24 -16.16
C LYS A 158 7.82 19.11 -15.76
N ILE A 159 6.60 18.59 -15.94
CA ILE A 159 5.40 19.30 -15.52
C ILE A 159 5.30 19.34 -14.00
N PHE A 160 5.58 18.21 -13.34
CA PHE A 160 5.54 18.19 -11.88
C PHE A 160 6.55 19.17 -11.29
N LYS A 161 7.77 19.19 -11.85
CA LYS A 161 8.81 20.12 -11.40
C LYS A 161 8.41 21.58 -11.64
N LYS A 162 7.80 21.87 -12.78
CA LYS A 162 7.38 23.24 -13.04
C LYS A 162 6.37 23.69 -11.99
N ASN A 163 5.43 22.81 -11.64
CA ASN A 163 4.33 23.14 -10.73
C ASN A 163 4.67 22.88 -9.27
N GLY A 164 5.72 22.11 -8.99
CA GLY A 164 6.08 21.80 -7.62
C GLY A 164 5.22 20.77 -6.95
N LYS A 165 4.45 19.99 -7.71
CA LYS A 165 3.61 18.96 -7.09
C LYS A 165 3.35 17.89 -8.14
N GLY A 166 3.07 16.70 -7.65
CA GLY A 166 2.58 15.64 -8.52
C GLY A 166 2.69 14.28 -7.88
N SER A 167 1.93 13.33 -8.45
CA SER A 167 2.02 11.92 -8.04
C SER A 167 2.08 11.06 -9.30
N LEU A 168 3.18 10.31 -9.43
CA LEU A 168 3.35 9.32 -10.50
C LEU A 168 3.17 7.91 -9.92
N ILE A 169 2.26 7.16 -10.52
CA ILE A 169 2.08 5.73 -10.23
C ILE A 169 2.45 4.94 -11.47
N ILE A 170 3.34 3.96 -11.30
CA ILE A 170 3.70 3.04 -12.38
C ILE A 170 3.05 1.70 -12.08
N THR A 171 2.34 1.15 -13.05
CA THR A 171 1.84 -0.23 -12.95
C THR A 171 2.99 -1.17 -13.26
N SER A 172 3.52 -1.82 -12.25
CA SER A 172 4.51 -2.87 -12.42
C SER A 172 3.79 -4.22 -12.44
N SER A 173 4.21 -5.21 -11.69
CA SER A 173 3.60 -6.53 -11.71
C SER A 173 4.30 -7.33 -10.62
N ILE A 174 3.63 -8.37 -10.12
CA ILE A 174 4.39 -9.31 -9.30
C ILE A 174 5.53 -9.91 -10.10
N SER A 175 5.46 -9.85 -11.44
CA SER A 175 6.53 -10.37 -12.29
C SER A 175 7.85 -9.62 -12.13
N GLY A 176 7.81 -8.44 -11.52
CA GLY A 176 9.02 -7.71 -11.18
C GLY A 176 9.68 -8.19 -9.92
N LYS A 177 8.98 -9.01 -9.13
CA LYS A 177 9.46 -9.54 -7.86
C LYS A 177 9.68 -11.05 -7.90
N ILE A 178 8.81 -11.77 -8.60
CA ILE A 178 8.88 -13.24 -8.72
C ILE A 178 9.03 -13.63 -10.18
N VAL A 179 9.23 -14.93 -10.42
CA VAL A 179 9.34 -15.48 -11.76
C VAL A 179 8.07 -16.29 -11.98
N ASN A 180 7.22 -15.83 -12.91
CA ASN A 180 5.98 -16.56 -13.18
C ASN A 180 6.23 -17.97 -13.68
N ILE A 181 5.36 -18.88 -13.25
CA ILE A 181 5.33 -20.28 -13.71
C ILE A 181 3.90 -20.73 -13.81
N PRO A 182 3.61 -21.65 -14.74
CA PRO A 182 4.51 -22.36 -15.64
C PRO A 182 4.78 -21.60 -16.94
N GLN A 183 4.11 -20.47 -17.18
CA GLN A 183 4.36 -19.72 -18.41
C GLN A 183 5.66 -18.95 -18.25
N LEU A 184 6.65 -19.26 -19.10
CA LEU A 184 7.99 -18.68 -18.97
C LEU A 184 8.06 -17.39 -19.77
N GLN A 185 8.46 -16.30 -19.10
CA GLN A 185 8.32 -14.96 -19.68
C GLN A 185 9.42 -14.03 -19.17
N ALA A 186 10.66 -14.51 -19.21
CA ALA A 186 11.81 -13.72 -18.74
C ALA A 186 11.85 -12.27 -19.23
N PRO A 187 11.58 -11.95 -20.50
CA PRO A 187 11.71 -10.54 -20.91
C PRO A 187 10.71 -9.61 -20.23
N TYR A 188 9.49 -10.10 -20.02
CA TYR A 188 8.47 -9.32 -19.31
C TYR A 188 8.85 -9.15 -17.84
N ASN A 189 9.28 -10.23 -17.18
CA ASN A 189 9.75 -10.11 -15.80
C ASN A 189 10.87 -9.09 -15.67
N THR A 190 11.81 -9.11 -16.62
CA THR A 190 12.93 -8.19 -16.61
C THR A 190 12.45 -6.74 -16.70
N ALA A 191 11.56 -6.46 -17.64
CA ALA A 191 11.06 -5.10 -17.82
C ALA A 191 10.30 -4.62 -16.58
N LYS A 192 9.52 -5.50 -15.95
CA LYS A 192 8.75 -5.10 -14.78
C LYS A 192 9.63 -4.90 -13.55
N ALA A 193 10.68 -5.72 -13.39
CA ALA A 193 11.64 -5.43 -12.32
C ALA A 193 12.29 -4.08 -12.54
N ALA A 194 12.60 -3.76 -13.80
CA ALA A 194 13.17 -2.45 -14.10
C ALA A 194 12.19 -1.33 -13.77
N CYS A 195 10.92 -1.52 -14.10
CA CYS A 195 9.88 -0.54 -13.76
C CYS A 195 9.84 -0.28 -12.27
N THR A 196 9.88 -1.36 -11.47
CA THR A 196 9.79 -1.21 -10.03
C THR A 196 10.97 -0.43 -9.48
N HIS A 197 12.19 -0.71 -9.98
CA HIS A 197 13.32 0.03 -9.45
C HIS A 197 13.46 1.42 -10.05
N LEU A 198 12.96 1.64 -11.28
CA LEU A 198 12.87 3.00 -11.80
C LEU A 198 12.01 3.88 -10.91
N ALA A 199 10.87 3.34 -10.46
CA ALA A 199 10.01 4.06 -9.52
C ALA A 199 10.76 4.47 -8.26
N LYS A 200 11.53 3.55 -7.66
CA LYS A 200 12.30 3.91 -6.47
C LYS A 200 13.38 4.94 -6.79
N SER A 201 14.04 4.81 -7.94
CA SER A 201 15.07 5.78 -8.29
C SER A 201 14.48 7.17 -8.51
N LEU A 202 13.36 7.25 -9.24
CA LEU A 202 12.73 8.53 -9.47
C LEU A 202 12.14 9.12 -8.20
N ALA A 203 11.63 8.28 -7.30
CA ALA A 203 11.20 8.80 -6.01
C ALA A 203 12.30 9.62 -5.36
N ILE A 204 13.55 9.17 -5.44
CA ILE A 204 14.67 9.95 -4.87
C ILE A 204 14.85 11.26 -5.63
N GLU A 205 14.93 11.17 -6.97
CA GLU A 205 15.29 12.33 -7.76
C GLU A 205 14.21 13.39 -7.81
N TRP A 206 12.94 12.99 -7.71
CA TRP A 206 11.82 13.91 -7.85
C TRP A 206 11.29 14.42 -6.53
N ALA A 207 11.79 13.90 -5.42
CA ALA A 207 11.31 14.19 -4.07
C ALA A 207 11.02 15.67 -3.79
N PRO A 208 11.79 16.65 -4.31
CA PRO A 208 11.43 18.07 -4.06
C PRO A 208 10.12 18.50 -4.69
N PHE A 209 9.59 17.74 -5.65
CA PHE A 209 8.38 18.19 -6.33
C PHE A 209 7.34 17.11 -6.58
N ALA A 210 7.60 15.84 -6.29
CA ALA A 210 6.62 14.78 -6.60
C ALA A 210 6.90 13.52 -5.81
N ARG A 211 5.87 12.67 -5.71
CA ARG A 211 5.98 11.31 -5.21
C ARG A 211 5.88 10.34 -6.39
N VAL A 212 6.58 9.23 -6.27
CA VAL A 212 6.58 8.16 -7.28
C VAL A 212 6.41 6.82 -6.57
N ASN A 213 5.41 6.03 -6.99
CA ASN A 213 5.16 4.73 -6.38
C ASN A 213 4.73 3.77 -7.48
N THR A 214 4.73 2.48 -7.14
CA THR A 214 4.25 1.42 -8.03
C THR A 214 3.11 0.62 -7.39
N ILE A 215 2.19 0.18 -8.24
CA ILE A 215 1.27 -0.91 -7.94
C ILE A 215 1.77 -2.15 -8.65
N SER A 216 1.86 -3.27 -7.94
CA SER A 216 2.30 -4.54 -8.51
C SER A 216 1.13 -5.52 -8.44
N PRO A 217 0.29 -5.58 -9.46
CA PRO A 217 -0.83 -6.53 -9.40
C PRO A 217 -0.35 -7.97 -9.54
N GLY A 218 -1.14 -8.89 -8.96
CA GLY A 218 -1.05 -10.30 -9.26
C GLY A 218 -1.82 -10.63 -10.51
N TYR A 219 -2.38 -11.85 -10.56
CA TYR A 219 -3.20 -12.26 -11.68
C TYR A 219 -4.58 -11.61 -11.59
N ILE A 220 -4.91 -10.75 -12.56
CA ILE A 220 -6.15 -9.99 -12.59
C ILE A 220 -6.94 -10.44 -13.82
N ASP A 221 -8.25 -10.60 -13.66
CA ASP A 221 -9.09 -11.11 -14.74
C ASP A 221 -9.29 -10.00 -15.77
N THR A 222 -8.36 -9.93 -16.73
CA THR A 222 -8.47 -9.07 -17.91
C THR A 222 -8.16 -9.92 -19.13
N ASP A 223 -8.19 -9.30 -20.32
CA ASP A 223 -7.90 -10.02 -21.55
C ASP A 223 -6.41 -10.25 -21.77
N ILE A 224 -5.55 -9.67 -20.93
CA ILE A 224 -4.11 -9.84 -21.08
C ILE A 224 -3.71 -11.29 -20.83
N THR A 225 -4.50 -12.03 -20.05
CA THR A 225 -4.19 -13.42 -19.69
C THR A 225 -5.03 -14.43 -20.44
N ASP A 226 -5.63 -14.06 -21.57
CA ASP A 226 -6.50 -14.96 -22.32
C ASP A 226 -5.72 -15.98 -23.15
N PHE A 227 -4.41 -15.81 -23.31
CA PHE A 227 -3.59 -16.82 -23.97
C PHE A 227 -3.45 -18.10 -23.14
N ALA A 228 -3.89 -18.08 -21.89
CA ALA A 228 -3.62 -19.16 -20.94
C ALA A 228 -4.74 -20.20 -20.95
N SER A 229 -4.35 -21.47 -21.00
CA SER A 229 -5.29 -22.57 -20.95
C SER A 229 -5.81 -22.77 -19.53
N LYS A 230 -6.84 -23.61 -19.40
CA LYS A 230 -7.44 -23.86 -18.10
C LYS A 230 -6.45 -24.51 -17.13
N ASP A 231 -5.65 -25.45 -17.62
CA ASP A 231 -4.72 -26.10 -16.71
C ASP A 231 -3.62 -25.14 -16.25
N MET A 232 -3.34 -24.09 -17.01
CA MET A 232 -2.32 -23.16 -16.53
C MET A 232 -2.93 -22.21 -15.49
N LYS A 233 -4.13 -21.67 -15.76
CA LYS A 233 -4.82 -20.86 -14.75
C LYS A 233 -5.01 -21.64 -13.46
N ALA A 234 -5.34 -22.93 -13.56
CA ALA A 234 -5.56 -23.72 -12.35
C ALA A 234 -4.32 -23.72 -11.48
N LYS A 235 -3.14 -23.81 -12.09
CA LYS A 235 -1.93 -23.79 -11.28
C LYS A 235 -1.71 -22.43 -10.64
N TRP A 236 -2.07 -21.35 -11.33
CA TRP A 236 -2.04 -20.04 -10.70
C TRP A 236 -2.90 -20.00 -9.45
N TRP A 237 -4.15 -20.51 -9.55
CA TRP A 237 -5.04 -20.52 -8.38
C TRP A 237 -4.45 -21.33 -7.24
N GLN A 238 -3.80 -22.46 -7.56
CA GLN A 238 -3.25 -23.34 -6.52
C GLN A 238 -2.14 -22.67 -5.74
N LEU A 239 -1.45 -21.72 -6.35
CA LEU A 239 -0.29 -21.06 -5.75
C LEU A 239 -0.64 -19.69 -5.18
N THR A 240 -1.90 -19.27 -5.29
CA THR A 240 -2.35 -17.97 -4.78
C THR A 240 -3.01 -18.18 -3.43
N PRO A 241 -2.51 -17.60 -2.33
CA PRO A 241 -3.13 -17.82 -1.01
C PRO A 241 -4.62 -17.56 -0.95
N LEU A 242 -5.13 -16.55 -1.67
CA LEU A 242 -6.56 -16.30 -1.64
C LEU A 242 -7.35 -17.26 -2.54
N GLY A 243 -6.69 -17.99 -3.43
CA GLY A 243 -7.32 -19.08 -4.18
C GLY A 243 -8.00 -18.71 -5.47
N ARG A 244 -7.71 -17.53 -6.02
CA ARG A 244 -8.44 -17.03 -7.19
C ARG A 244 -7.62 -15.90 -7.82
N GLU A 245 -8.03 -15.51 -9.03
CA GLU A 245 -7.57 -14.28 -9.63
C GLU A 245 -8.32 -13.09 -9.03
N GLY A 246 -7.73 -11.92 -9.16
CA GLY A 246 -8.39 -10.72 -8.66
C GLY A 246 -9.24 -10.04 -9.72
N LEU A 247 -10.05 -9.09 -9.27
CA LEU A 247 -10.86 -8.32 -10.20
C LEU A 247 -10.17 -6.97 -10.39
N THR A 248 -10.45 -6.30 -11.50
CA THR A 248 -9.88 -4.96 -11.65
C THR A 248 -10.37 -4.02 -10.56
N GLN A 249 -11.62 -4.21 -10.10
CA GLN A 249 -12.17 -3.35 -9.05
C GLN A 249 -11.41 -3.50 -7.74
N GLU A 250 -10.64 -4.57 -7.57
CA GLU A 250 -9.89 -4.74 -6.34
C GLU A 250 -8.55 -4.00 -6.38
N LEU A 251 -8.26 -3.30 -7.47
CA LEU A 251 -7.03 -2.52 -7.56
C LEU A 251 -7.27 -1.04 -7.36
N VAL A 252 -8.51 -0.57 -7.56
CA VAL A 252 -8.69 0.89 -7.63
C VAL A 252 -8.41 1.55 -6.29
N GLY A 253 -8.61 0.84 -5.19
CA GLY A 253 -8.33 1.44 -3.89
C GLY A 253 -6.87 1.81 -3.75
N GLY A 254 -5.99 0.93 -4.21
CA GLY A 254 -4.56 1.22 -4.14
C GLY A 254 -4.15 2.34 -5.08
N TYR A 255 -4.73 2.39 -6.27
CA TYR A 255 -4.41 3.49 -7.19
C TYR A 255 -4.91 4.82 -6.66
N LEU A 256 -6.07 4.83 -6.01
CA LEU A 256 -6.57 6.07 -5.40
C LEU A 256 -5.73 6.47 -4.20
N TYR A 257 -5.38 5.51 -3.34
CA TYR A 257 -4.50 5.77 -2.22
C TYR A 257 -3.26 6.52 -2.66
N LEU A 258 -2.58 6.02 -3.70
CA LEU A 258 -1.30 6.61 -4.12
C LEU A 258 -1.49 7.94 -4.85
N ALA A 259 -2.62 8.13 -5.53
CA ALA A 259 -2.87 9.34 -6.30
C ALA A 259 -3.20 10.53 -5.41
N SER A 260 -3.80 10.27 -4.25
CA SER A 260 -4.46 11.29 -3.45
C SER A 260 -3.54 11.76 -2.33
N ASN A 261 -4.07 12.67 -1.50
CA ASN A 261 -3.40 13.12 -0.30
C ASN A 261 -3.48 12.13 0.85
N ALA A 262 -3.97 10.90 0.62
CA ALA A 262 -3.92 9.88 1.64
C ALA A 262 -2.51 9.36 1.87
N SER A 263 -1.57 9.66 0.98
CA SER A 263 -0.27 8.99 0.94
C SER A 263 0.86 9.98 0.80
N THR A 264 0.77 11.13 1.48
CA THR A 264 1.75 12.21 1.26
C THR A 264 3.12 11.93 1.87
N PHE A 265 3.27 10.89 2.71
CA PHE A 265 4.58 10.43 3.16
C PHE A 265 4.98 9.13 2.47
N THR A 266 4.22 8.69 1.48
CA THR A 266 4.51 7.44 0.79
C THR A 266 5.18 7.73 -0.54
N THR A 267 6.44 7.31 -0.69
CA THR A 267 7.12 7.48 -1.96
C THR A 267 8.17 6.39 -2.07
N GLY A 268 8.43 5.98 -3.30
CA GLY A 268 9.31 4.85 -3.57
C GLY A 268 8.77 3.52 -3.11
N SER A 269 7.47 3.40 -2.84
CA SER A 269 7.00 2.12 -2.34
C SER A 269 6.34 1.33 -3.46
N ASP A 270 6.25 0.03 -3.24
CA ASP A 270 5.66 -0.92 -4.15
C ASP A 270 4.49 -1.56 -3.42
N VAL A 271 3.28 -1.27 -3.87
CA VAL A 271 2.07 -1.79 -3.22
C VAL A 271 1.63 -3.04 -3.98
N VAL A 272 1.70 -4.18 -3.32
CA VAL A 272 1.45 -5.46 -3.97
C VAL A 272 0.00 -5.85 -3.75
N ILE A 273 -0.71 -6.12 -4.84
CA ILE A 273 -2.13 -6.51 -4.78
C ILE A 273 -2.27 -7.81 -5.53
N ASP A 274 -2.00 -8.94 -4.85
CA ASP A 274 -1.78 -10.15 -5.61
C ASP A 274 -2.37 -11.34 -4.91
N GLY A 275 -3.29 -11.15 -3.96
CA GLY A 275 -3.89 -12.31 -3.32
C GLY A 275 -2.90 -13.12 -2.52
N GLY A 276 -1.76 -12.52 -2.18
CA GLY A 276 -0.73 -13.19 -1.42
C GLY A 276 0.27 -13.96 -2.25
N TYR A 277 0.23 -13.85 -3.57
CA TYR A 277 1.01 -14.72 -4.44
C TYR A 277 2.51 -14.65 -4.14
N THR A 278 3.01 -13.46 -3.77
CA THR A 278 4.44 -13.35 -3.53
C THR A 278 4.87 -13.93 -2.18
N CYS A 279 3.94 -14.33 -1.32
CA CYS A 279 4.34 -14.83 -0.01
C CYS A 279 4.91 -16.25 -0.02
N PRO A 280 4.26 -17.25 -0.68
CA PRO A 280 4.90 -18.57 -0.73
C PRO A 280 6.16 -18.57 -1.61
N SER B 1 -11.92 -35.93 -3.03
CA SER B 1 -11.18 -34.82 -3.60
C SER B 1 -10.88 -35.00 -5.09
N MET B 2 -11.21 -36.15 -5.67
CA MET B 2 -11.16 -36.27 -7.13
C MET B 2 -12.06 -35.20 -7.76
N GLY B 3 -11.56 -34.59 -8.83
CA GLY B 3 -12.31 -33.60 -9.56
C GLY B 3 -12.19 -32.20 -9.01
N GLU B 4 -11.72 -32.04 -7.78
CA GLU B 4 -11.53 -30.71 -7.24
C GLU B 4 -10.12 -30.25 -7.52
N ILE B 5 -9.97 -28.97 -7.77
CA ILE B 5 -8.65 -28.35 -7.76
C ILE B 5 -8.34 -27.97 -6.31
N GLU B 6 -7.34 -28.63 -5.73
CA GLU B 6 -6.97 -28.39 -4.34
C GLU B 6 -5.78 -27.44 -4.25
N SER B 7 -5.87 -26.48 -3.33
CA SER B 7 -4.82 -25.48 -3.17
C SER B 7 -3.52 -26.13 -2.71
N TYR B 8 -2.40 -25.64 -3.26
CA TYR B 8 -1.09 -25.97 -2.67
C TYR B 8 -0.82 -25.14 -1.42
N CYS B 9 -1.51 -24.02 -1.24
CA CYS B 9 -1.27 -23.17 -0.07
C CYS B 9 -2.06 -23.62 1.14
N ASN B 10 -3.36 -23.86 0.98
CA ASN B 10 -4.23 -24.09 2.12
C ASN B 10 -5.47 -24.84 1.65
N LYS B 11 -5.57 -26.13 1.97
CA LYS B 11 -6.70 -26.90 1.48
C LYS B 11 -8.02 -26.48 2.10
N GLU B 12 -8.01 -25.72 3.19
CA GLU B 12 -9.28 -25.24 3.75
C GLU B 12 -9.91 -24.10 2.95
N LEU B 13 -9.24 -23.64 1.88
CA LEU B 13 -9.90 -22.81 0.88
C LEU B 13 -11.04 -23.53 0.16
N GLY B 14 -11.02 -24.87 0.16
CA GLY B 14 -11.99 -25.65 -0.59
C GLY B 14 -11.62 -25.76 -2.06
N PRO B 15 -12.50 -26.37 -2.87
CA PRO B 15 -12.21 -26.51 -4.31
C PRO B 15 -12.05 -25.15 -4.97
N LEU B 16 -10.99 -25.03 -5.77
CA LEU B 16 -10.66 -23.75 -6.37
C LEU B 16 -11.35 -23.60 -7.72
N PRO B 17 -11.57 -22.36 -8.21
CA PRO B 17 -11.20 -21.13 -7.53
C PRO B 17 -12.21 -20.68 -6.48
N THR B 18 -11.71 -19.98 -5.46
CA THR B 18 -12.58 -19.28 -4.54
C THR B 18 -13.30 -18.15 -5.27
N LYS B 19 -14.26 -17.54 -4.59
CA LYS B 19 -15.14 -16.58 -5.23
C LYS B 19 -14.92 -15.19 -4.66
N ALA B 20 -14.98 -14.24 -5.52
CA ALA B 20 -14.72 -12.85 -5.20
C ALA B 20 -15.96 -12.21 -4.56
N PRO B 21 -15.76 -11.15 -3.75
CA PRO B 21 -16.89 -10.48 -3.11
C PRO B 21 -17.54 -9.45 -4.03
N THR B 22 -18.80 -9.16 -3.76
CA THR B 22 -19.45 -8.01 -4.38
C THR B 22 -18.94 -6.74 -3.71
N LEU B 23 -18.72 -5.71 -4.51
CA LEU B 23 -18.10 -4.47 -4.01
C LEU B 23 -18.88 -3.27 -4.50
N SER B 24 -18.73 -2.16 -3.77
CA SER B 24 -19.42 -0.92 -4.11
C SER B 24 -19.02 -0.45 -5.51
N LYS B 25 -19.98 0.13 -6.23
CA LYS B 25 -19.71 0.67 -7.55
C LYS B 25 -18.76 1.84 -7.49
N ASN B 26 -18.81 2.61 -6.41
CA ASN B 26 -18.04 3.84 -6.28
C ASN B 26 -16.82 3.62 -5.39
N VAL B 27 -15.65 4.06 -5.87
CA VAL B 27 -14.40 3.75 -5.18
C VAL B 27 -14.41 4.29 -3.75
N LEU B 28 -15.04 5.45 -3.54
CA LEU B 28 -15.00 6.09 -2.24
C LEU B 28 -15.76 5.29 -1.20
N ASP B 29 -16.83 4.61 -1.60
CA ASP B 29 -17.58 3.78 -0.67
C ASP B 29 -16.81 2.53 -0.25
N LEU B 30 -15.80 2.13 -1.01
CA LEU B 30 -15.00 0.97 -0.63
C LEU B 30 -14.26 1.19 0.68
N PHE B 31 -14.02 2.44 1.06
CA PHE B 31 -13.24 2.75 2.26
C PHE B 31 -14.11 2.87 3.51
N SER B 32 -15.40 2.59 3.40
CA SER B 32 -16.29 2.80 4.53
C SER B 32 -16.12 1.70 5.56
N LEU B 33 -16.20 2.08 6.83
CA LEU B 33 -16.20 1.10 7.90
C LEU B 33 -17.50 1.10 8.73
N LYS B 34 -18.60 1.72 8.27
CA LYS B 34 -19.79 1.59 9.12
C LYS B 34 -20.34 0.17 9.07
N GLY B 35 -20.98 -0.21 10.17
CA GLY B 35 -21.33 -1.58 10.42
C GLY B 35 -20.19 -2.44 10.94
N LYS B 36 -18.96 -1.91 10.98
CA LYS B 36 -17.79 -2.67 11.38
C LYS B 36 -17.33 -2.29 12.78
N VAL B 37 -16.70 -3.24 13.46
CA VAL B 37 -16.03 -3.02 14.74
C VAL B 37 -14.54 -3.14 14.50
N ALA B 38 -13.76 -2.17 15.01
CA ALA B 38 -12.32 -2.26 14.94
C ALA B 38 -11.74 -2.23 16.35
N SER B 39 -10.65 -2.98 16.54
CA SER B 39 -9.91 -3.04 17.79
C SER B 39 -8.47 -2.64 17.49
N VAL B 40 -7.97 -1.60 18.17
CA VAL B 40 -6.66 -1.02 17.87
C VAL B 40 -5.81 -1.05 19.14
N THR B 41 -4.80 -1.90 19.18
CA THR B 41 -3.97 -1.94 20.37
C THR B 41 -3.01 -0.73 20.37
N GLY B 42 -2.52 -0.39 21.56
CA GLY B 42 -1.64 0.76 21.70
C GLY B 42 -2.25 2.07 21.26
N SER B 43 -3.56 2.23 21.45
CA SER B 43 -4.24 3.43 21.00
C SER B 43 -4.36 4.49 22.10
N SER B 44 -3.60 4.33 23.19
CA SER B 44 -3.14 5.46 23.99
C SER B 44 -2.18 6.34 23.22
N GLY B 45 -1.27 5.70 22.48
CA GLY B 45 -0.12 6.38 21.93
C GLY B 45 -0.39 7.00 20.58
N GLY B 46 0.67 7.56 20.01
CA GLY B 46 0.58 8.39 18.83
C GLY B 46 -0.10 7.75 17.65
N ILE B 47 0.52 6.69 17.12
CA ILE B 47 -0.01 6.08 15.92
C ILE B 47 -1.37 5.44 16.19
N GLY B 48 -1.51 4.76 17.33
CA GLY B 48 -2.74 4.03 17.61
C GLY B 48 -3.94 4.95 17.74
N TRP B 49 -3.77 6.09 18.39
CA TRP B 49 -4.86 7.05 18.51
C TRP B 49 -5.26 7.61 17.15
N ALA B 50 -4.26 7.95 16.33
CA ALA B 50 -4.54 8.47 14.99
C ALA B 50 -5.37 7.47 14.18
N VAL B 51 -4.97 6.19 14.21
CA VAL B 51 -5.71 5.14 13.50
C VAL B 51 -7.11 4.97 14.08
N ALA B 52 -7.21 4.88 15.40
CA ALA B 52 -8.51 4.71 16.04
C ALA B 52 -9.46 5.84 15.66
N GLU B 53 -8.99 7.09 15.67
CA GLU B 53 -9.86 8.20 15.30
C GLU B 53 -10.23 8.11 13.81
N ALA B 54 -9.26 7.75 12.96
CA ALA B 54 -9.54 7.64 11.55
C ALA B 54 -10.58 6.56 11.28
N TYR B 55 -10.54 5.47 12.04
CA TYR B 55 -11.51 4.41 11.84
C TYR B 55 -12.89 4.87 12.25
N ALA B 56 -12.98 5.67 13.33
CA ALA B 56 -14.28 6.20 13.73
C ALA B 56 -14.84 7.17 12.69
N GLN B 57 -13.97 8.02 12.13
CA GLN B 57 -14.36 8.88 11.02
C GLN B 57 -14.93 8.08 9.86
N ALA B 58 -14.38 6.89 9.60
CA ALA B 58 -14.86 6.02 8.54
C ALA B 58 -16.11 5.26 8.94
N GLY B 59 -16.53 5.35 10.19
CA GLY B 59 -17.79 4.81 10.63
C GLY B 59 -17.72 3.60 11.53
N ALA B 60 -16.53 3.19 11.94
CA ALA B 60 -16.37 1.98 12.74
C ALA B 60 -16.60 2.26 14.22
N ASP B 61 -17.21 1.30 14.89
CA ASP B 61 -17.09 1.19 16.34
C ASP B 61 -15.65 0.82 16.67
N VAL B 62 -15.09 1.41 17.71
CA VAL B 62 -13.66 1.29 17.96
C VAL B 62 -13.39 0.94 19.42
N ALA B 63 -12.62 -0.13 19.64
CA ALA B 63 -12.15 -0.50 20.97
C ALA B 63 -10.73 0.03 21.17
N ILE B 64 -10.56 0.85 22.20
CA ILE B 64 -9.29 1.49 22.54
C ILE B 64 -8.56 0.61 23.55
N TRP B 65 -7.24 0.49 23.41
CA TRP B 65 -6.41 -0.27 24.33
C TRP B 65 -5.39 0.64 24.97
N TYR B 66 -5.13 0.41 26.27
CA TYR B 66 -4.09 1.12 26.97
C TYR B 66 -3.43 0.21 27.98
N ASN B 67 -2.25 0.64 28.43
CA ASN B 67 -1.56 -0.04 29.52
C ASN B 67 -1.34 0.93 30.67
N SER B 68 -0.32 1.78 30.57
CA SER B 68 0.04 2.66 31.68
C SER B 68 -0.60 4.05 31.60
N HIS B 69 -1.34 4.36 30.53
CA HIS B 69 -1.93 5.69 30.38
C HIS B 69 -3.42 5.58 30.06
N PRO B 70 -4.30 5.67 31.06
CA PRO B 70 -5.72 5.41 30.83
C PRO B 70 -6.30 6.27 29.71
N ALA B 71 -7.09 5.63 28.84
CA ALA B 71 -7.62 6.27 27.64
C ALA B 71 -9.15 6.32 27.60
N ASP B 72 -9.82 6.25 28.74
CA ASP B 72 -11.28 6.27 28.71
C ASP B 72 -11.81 7.58 28.13
N GLU B 73 -11.12 8.69 28.38
CA GLU B 73 -11.54 9.96 27.81
C GLU B 73 -11.32 10.00 26.31
N LYS B 74 -10.37 9.22 25.80
CA LYS B 74 -10.21 9.05 24.36
C LYS B 74 -11.40 8.31 23.77
N ALA B 75 -11.74 7.15 24.33
CA ALA B 75 -12.94 6.47 23.88
C ALA B 75 -14.17 7.35 24.01
N GLU B 76 -14.30 8.12 25.09
CA GLU B 76 -15.52 8.93 25.15
C GLU B 76 -15.48 10.10 24.18
N HIS B 77 -14.29 10.56 23.80
CA HIS B 77 -14.20 11.53 22.73
C HIS B 77 -14.72 10.94 21.43
N LEU B 78 -14.45 9.65 21.18
CA LEU B 78 -14.96 9.07 19.93
C LEU B 78 -16.47 8.93 19.97
N GLN B 79 -17.01 8.43 21.09
CA GLN B 79 -18.44 8.48 21.39
C GLN B 79 -19.07 9.83 21.05
N LYS B 80 -18.54 10.89 21.66
CA LYS B 80 -19.17 12.19 21.56
C LYS B 80 -19.08 12.75 20.15
N THR B 81 -17.91 12.63 19.52
CA THR B 81 -17.66 13.37 18.29
C THR B 81 -18.24 12.69 17.05
N TYR B 82 -18.26 11.36 17.01
CA TYR B 82 -18.65 10.65 15.80
C TYR B 82 -19.89 9.79 15.95
N GLY B 83 -20.43 9.66 17.17
CA GLY B 83 -21.63 8.87 17.36
C GLY B 83 -21.44 7.38 17.21
N VAL B 84 -20.20 6.91 17.11
CA VAL B 84 -19.93 5.48 17.09
C VAL B 84 -19.84 5.03 18.53
N ARG B 85 -19.81 3.73 18.76
CA ARG B 85 -19.58 3.22 20.10
C ARG B 85 -18.11 2.87 20.29
N SER B 86 -17.64 3.09 21.52
CA SER B 86 -16.22 3.02 21.81
C SER B 86 -16.03 2.81 23.31
N LYS B 87 -15.03 2.01 23.66
CA LYS B 87 -14.67 1.74 25.05
C LYS B 87 -13.18 1.48 25.10
N ALA B 88 -12.56 1.88 26.22
CA ALA B 88 -11.14 1.68 26.43
C ALA B 88 -10.91 0.49 27.35
N TYR B 89 -9.84 -0.25 27.08
CA TYR B 89 -9.52 -1.49 27.80
C TYR B 89 -8.06 -1.49 28.23
N LYS B 90 -7.83 -1.89 29.47
CA LYS B 90 -6.49 -1.93 30.05
C LYS B 90 -5.94 -3.34 29.90
N CYS B 91 -4.78 -3.48 29.27
CA CYS B 91 -4.21 -4.79 29.00
C CYS B 91 -2.70 -4.69 28.83
N ASN B 92 -1.98 -5.58 29.51
CA ASN B 92 -0.56 -5.80 29.28
C ASN B 92 -0.43 -6.90 28.23
N ILE B 93 -0.02 -6.52 27.01
CA ILE B 93 0.01 -7.48 25.92
C ILE B 93 1.13 -8.51 26.04
N SER B 94 2.10 -8.29 26.93
CA SER B 94 3.04 -9.38 27.20
C SER B 94 2.44 -10.52 28.01
N ASP B 95 1.23 -10.35 28.56
CA ASP B 95 0.59 -11.40 29.32
C ASP B 95 -0.48 -12.06 28.48
N PRO B 96 -0.26 -13.29 27.99
CA PRO B 96 -1.23 -13.89 27.05
C PRO B 96 -2.60 -14.10 27.65
N LYS B 97 -2.69 -14.39 28.94
CA LYS B 97 -4.01 -14.60 29.53
C LYS B 97 -4.82 -13.31 29.52
N SER B 98 -4.18 -12.18 29.77
CA SER B 98 -4.93 -10.92 29.76
C SER B 98 -5.33 -10.53 28.34
N VAL B 99 -4.48 -10.81 27.35
CA VAL B 99 -4.86 -10.57 25.95
C VAL B 99 -6.12 -11.34 25.59
N GLU B 100 -6.20 -12.61 25.98
CA GLU B 100 -7.37 -13.42 25.64
C GLU B 100 -8.63 -12.86 26.29
N GLU B 101 -8.55 -12.50 27.58
CA GLU B 101 -9.70 -11.92 28.25
C GLU B 101 -10.13 -10.61 27.62
N THR B 102 -9.18 -9.74 27.28
CA THR B 102 -9.55 -8.47 26.67
C THR B 102 -10.23 -8.69 25.33
N ILE B 103 -9.68 -9.58 24.49
CA ILE B 103 -10.30 -9.86 23.21
C ILE B 103 -11.69 -10.47 23.40
N SER B 104 -11.81 -11.41 24.35
CA SER B 104 -13.10 -12.03 24.63
C SER B 104 -14.13 -11.00 25.07
N GLN B 105 -13.73 -10.04 25.93
CA GLN B 105 -14.67 -9.03 26.39
C GLN B 105 -15.11 -8.12 25.25
N GLN B 106 -14.16 -7.67 24.44
CA GLN B 106 -14.51 -6.85 23.28
C GLN B 106 -15.52 -7.53 22.37
N GLU B 107 -15.32 -8.83 22.11
CA GLU B 107 -16.33 -9.55 21.33
C GLU B 107 -17.69 -9.51 22.02
N LYS B 108 -17.71 -9.65 23.36
CA LYS B 108 -18.98 -9.57 24.08
C LYS B 108 -19.56 -8.17 24.02
N ASP B 109 -18.72 -7.13 24.18
CA ASP B 109 -19.25 -5.78 24.23
C ASP B 109 -19.75 -5.32 22.86
N PHE B 110 -19.00 -5.59 21.81
CA PHE B 110 -19.32 -5.04 20.50
C PHE B 110 -20.07 -6.01 19.60
N GLY B 111 -20.11 -7.30 19.94
CA GLY B 111 -20.82 -8.28 19.14
C GLY B 111 -19.92 -9.09 18.23
N THR B 112 -18.89 -8.43 17.70
CA THR B 112 -17.92 -9.05 16.82
C THR B 112 -16.71 -8.12 16.74
N ILE B 113 -15.67 -8.60 16.05
CA ILE B 113 -14.53 -7.78 15.67
C ILE B 113 -14.26 -8.05 14.20
N ASP B 114 -14.32 -7.01 13.37
CA ASP B 114 -14.06 -7.06 11.94
C ASP B 114 -12.62 -6.70 11.60
N VAL B 115 -12.08 -5.68 12.26
CA VAL B 115 -10.75 -5.14 11.97
C VAL B 115 -9.94 -5.15 13.26
N PHE B 116 -8.74 -5.71 13.20
CA PHE B 116 -7.82 -5.71 14.33
C PHE B 116 -6.50 -5.10 13.90
N VAL B 117 -6.03 -4.10 14.65
CA VAL B 117 -4.71 -3.50 14.41
C VAL B 117 -3.82 -3.84 15.60
N ALA B 118 -2.80 -4.67 15.36
CA ALA B 118 -1.84 -5.04 16.40
C ALA B 118 -0.71 -4.01 16.33
N ASN B 119 -0.78 -3.00 17.20
CA ASN B 119 0.05 -1.82 17.06
C ASN B 119 0.91 -1.49 18.28
N ALA B 120 0.52 -1.94 19.49
CA ALA B 120 1.28 -1.65 20.69
C ALA B 120 2.72 -2.15 20.59
N GLY B 121 3.66 -1.38 21.15
CA GLY B 121 5.07 -1.76 21.15
C GLY B 121 5.92 -0.77 21.94
N VAL B 122 7.18 -1.15 22.13
CA VAL B 122 8.18 -0.33 22.82
C VAL B 122 9.46 -0.30 22.01
N PRO B 123 10.30 0.73 22.19
CA PRO B 123 11.56 0.82 21.44
C PRO B 123 12.70 0.22 22.26
N TRP B 124 13.80 -0.03 21.56
CA TRP B 124 15.08 -0.28 22.20
C TRP B 124 15.82 1.05 22.26
N THR B 125 16.44 1.36 23.42
CA THR B 125 17.11 2.65 23.59
C THR B 125 18.52 2.55 24.17
N GLU B 126 19.10 1.36 24.25
CA GLU B 126 20.27 1.18 25.09
C GLU B 126 21.53 1.10 24.26
N GLY B 127 21.44 1.45 22.98
CA GLY B 127 22.58 1.51 22.12
C GLY B 127 22.99 0.11 21.72
N PRO B 128 24.27 -0.05 21.39
CA PRO B 128 24.73 -1.36 20.90
C PRO B 128 24.55 -2.46 21.94
N GLU B 129 23.86 -3.51 21.51
CA GLU B 129 23.66 -4.76 22.25
C GLU B 129 24.88 -5.31 22.97
N ILE B 130 26.07 -5.13 22.40
CA ILE B 130 27.21 -5.88 22.91
C ILE B 130 27.59 -5.41 24.31
N ASN B 131 27.14 -4.20 24.69
CA ASN B 131 27.42 -3.62 26.00
C ASN B 131 26.28 -3.79 26.99
N VAL B 132 25.21 -4.51 26.61
CA VAL B 132 24.05 -4.71 27.46
C VAL B 132 24.03 -6.18 27.89
N ASP B 133 24.38 -6.46 29.14
CA ASP B 133 24.48 -7.84 29.60
C ASP B 133 23.25 -8.35 30.30
N ASN B 134 22.33 -7.49 30.74
CA ASN B 134 21.03 -8.00 31.15
C ASN B 134 20.23 -8.35 29.91
N TYR B 135 19.92 -9.63 29.76
CA TYR B 135 18.98 -10.02 28.73
C TYR B 135 17.57 -9.48 28.98
N ASP B 136 17.35 -8.73 30.08
CA ASP B 136 16.02 -8.19 30.34
C ASP B 136 15.57 -7.27 29.21
N SER B 137 16.49 -6.46 28.69
CA SER B 137 16.14 -5.58 27.58
C SER B 137 15.71 -6.39 26.37
N TRP B 138 16.52 -7.38 25.98
CA TRP B 138 16.16 -8.25 24.87
C TRP B 138 14.81 -8.90 25.12
N ASN B 139 14.61 -9.46 26.32
CA ASN B 139 13.37 -10.18 26.64
C ASN B 139 12.17 -9.25 26.56
N LYS B 140 12.31 -8.00 27.03
CA LYS B 140 11.18 -7.10 27.04
C LYS B 140 10.73 -6.77 25.61
N ILE B 141 11.68 -6.50 24.72
CA ILE B 141 11.35 -6.25 23.31
C ILE B 141 10.66 -7.46 22.71
N ILE B 142 11.25 -8.64 22.86
CA ILE B 142 10.68 -9.82 22.23
C ILE B 142 9.30 -10.12 22.80
N ASN B 143 9.15 -9.99 24.10
CA ASN B 143 7.88 -10.36 24.71
C ASN B 143 6.76 -9.39 24.33
N LEU B 144 7.08 -8.11 24.16
CA LEU B 144 6.01 -7.20 23.79
C LEU B 144 5.88 -7.04 22.27
N ASP B 145 7.00 -6.90 21.57
CA ASP B 145 6.94 -6.56 20.15
C ASP B 145 6.80 -7.78 19.26
N LEU B 146 7.09 -8.98 19.75
CA LEU B 146 6.87 -10.20 18.99
C LEU B 146 5.85 -11.11 19.66
N ASN B 147 6.12 -11.61 20.86
CA ASN B 147 5.19 -12.50 21.52
C ASN B 147 3.81 -11.86 21.66
N GLY B 148 3.78 -10.61 22.14
CA GLY B 148 2.50 -9.95 22.33
C GLY B 148 1.72 -9.80 21.05
N VAL B 149 2.40 -9.50 19.95
CA VAL B 149 1.73 -9.47 18.65
C VAL B 149 1.14 -10.85 18.32
N TYR B 150 1.90 -11.92 18.60
CA TYR B 150 1.37 -13.23 18.29
C TYR B 150 0.17 -13.57 19.17
N TYR B 151 0.19 -13.16 20.44
CA TYR B 151 -0.95 -13.42 21.31
C TYR B 151 -2.22 -12.78 20.77
N CYS B 152 -2.13 -11.53 20.32
CA CYS B 152 -3.27 -10.84 19.74
C CYS B 152 -3.76 -11.55 18.49
N ALA B 153 -2.83 -11.94 17.62
CA ALA B 153 -3.21 -12.59 16.37
C ALA B 153 -3.88 -13.93 16.63
N HIS B 154 -3.29 -14.75 17.50
CA HIS B 154 -3.84 -16.08 17.76
C HIS B 154 -5.28 -16.00 18.25
N THR B 155 -5.56 -15.05 19.14
CA THR B 155 -6.90 -14.92 19.69
C THR B 155 -7.88 -14.32 18.67
N VAL B 156 -7.47 -13.28 17.95
CA VAL B 156 -8.44 -12.64 17.07
C VAL B 156 -8.70 -13.52 15.86
N GLY B 157 -7.73 -14.32 15.43
CA GLY B 157 -7.96 -15.23 14.32
C GLY B 157 -9.10 -16.20 14.55
N LYS B 158 -9.33 -16.57 15.80
CA LYS B 158 -10.44 -17.48 16.09
C LYS B 158 -11.78 -16.81 15.87
N ILE B 159 -11.87 -15.52 16.22
CA ILE B 159 -13.07 -14.75 15.93
C ILE B 159 -13.27 -14.64 14.42
N PHE B 160 -12.20 -14.29 13.68
CA PHE B 160 -12.34 -14.16 12.24
C PHE B 160 -12.81 -15.47 11.61
N LYS B 161 -12.27 -16.60 12.10
CA LYS B 161 -12.61 -17.88 11.52
C LYS B 161 -14.03 -18.29 11.86
N LYS B 162 -14.48 -17.96 13.07
CA LYS B 162 -15.88 -18.20 13.44
C LYS B 162 -16.81 -17.45 12.50
N ASN B 163 -16.48 -16.19 12.18
CA ASN B 163 -17.35 -15.35 11.38
C ASN B 163 -17.06 -15.43 9.89
N GLY B 164 -15.92 -15.99 9.52
CA GLY B 164 -15.57 -16.12 8.12
C GLY B 164 -15.10 -14.87 7.44
N LYS B 165 -14.73 -13.85 8.20
CA LYS B 165 -14.26 -12.57 7.64
C LYS B 165 -13.41 -11.87 8.69
N GLY B 166 -12.57 -10.97 8.20
CA GLY B 166 -11.73 -10.18 9.07
C GLY B 166 -10.52 -9.63 8.36
N SER B 167 -10.01 -8.52 8.88
CA SER B 167 -8.76 -7.92 8.41
C SER B 167 -7.87 -7.63 9.61
N LEU B 168 -6.68 -8.21 9.61
CA LEU B 168 -5.68 -7.97 10.65
C LEU B 168 -4.56 -7.12 10.06
N VAL B 169 -4.27 -5.99 10.70
CA VAL B 169 -3.16 -5.13 10.32
C VAL B 169 -2.16 -5.15 11.46
N ILE B 170 -0.90 -5.44 11.15
CA ILE B 170 0.17 -5.40 12.13
C ILE B 170 1.00 -4.17 11.84
N THR B 171 1.25 -3.36 12.87
CA THR B 171 2.22 -2.27 12.72
C THR B 171 3.60 -2.86 12.87
N SER B 172 4.36 -2.89 11.78
CA SER B 172 5.76 -3.28 11.82
C SER B 172 6.60 -1.99 11.86
N SER B 173 7.64 -1.87 11.06
CA SER B 173 8.48 -0.70 11.06
C SER B 173 9.42 -0.85 9.89
N MET B 174 9.97 0.27 9.45
CA MET B 174 11.00 0.19 8.43
C MET B 174 12.17 -0.62 8.98
N SER B 175 12.26 -0.68 10.31
CA SER B 175 13.30 -1.41 11.01
C SER B 175 13.22 -2.91 10.77
N GLY B 176 12.08 -3.43 10.28
CA GLY B 176 12.05 -4.84 9.91
C GLY B 176 12.66 -5.16 8.57
N THR B 177 12.95 -4.11 7.77
CA THR B 177 13.53 -4.25 6.44
C THR B 177 14.94 -3.66 6.33
N ILE B 178 15.24 -2.61 7.08
CA ILE B 178 16.56 -2.00 7.10
C ILE B 178 17.07 -1.94 8.55
N VAL B 179 18.34 -1.54 8.69
CA VAL B 179 18.98 -1.40 10.00
C VAL B 179 19.13 0.08 10.30
N ASN B 180 18.44 0.57 11.34
CA ASN B 180 18.51 1.99 11.66
C ASN B 180 19.93 2.38 12.04
N VAL B 181 20.29 3.61 11.63
CA VAL B 181 21.54 4.26 12.04
C VAL B 181 21.26 5.72 12.29
N PRO B 182 22.06 6.37 13.15
CA PRO B 182 23.18 5.88 13.96
C PRO B 182 22.78 5.17 15.25
N GLN B 183 21.49 5.21 15.62
CA GLN B 183 21.04 4.57 16.86
C GLN B 183 20.89 3.07 16.61
N LEU B 184 21.73 2.28 17.26
CA LEU B 184 21.80 0.85 17.02
C LEU B 184 20.79 0.13 17.92
N GLN B 185 19.96 -0.71 17.32
CA GLN B 185 18.80 -1.30 18.03
C GLN B 185 18.46 -2.69 17.47
N ALA B 186 19.45 -3.60 17.49
CA ALA B 186 19.30 -4.89 16.83
C ALA B 186 18.10 -5.68 17.35
N ALA B 187 17.84 -5.62 18.65
CA ALA B 187 16.72 -6.38 19.22
C ALA B 187 15.38 -5.94 18.62
N TYR B 188 15.18 -4.63 18.51
CA TYR B 188 13.96 -4.08 17.94
C TYR B 188 13.84 -4.42 16.47
N ASN B 189 14.93 -4.28 15.71
CA ASN B 189 14.90 -4.60 14.29
C ASN B 189 14.53 -6.07 14.08
N ALA B 190 15.11 -6.95 14.90
CA ALA B 190 14.80 -8.37 14.78
C ALA B 190 13.34 -8.65 15.05
N ALA B 191 12.78 -8.02 16.09
CA ALA B 191 11.38 -8.23 16.42
C ALA B 191 10.47 -7.73 15.30
N LYS B 192 10.82 -6.60 14.69
CA LYS B 192 9.94 -6.06 13.66
C LYS B 192 10.02 -6.88 12.37
N ALA B 193 11.20 -7.43 12.05
CA ALA B 193 11.30 -8.33 10.90
C ALA B 193 10.45 -9.57 11.13
N ALA B 194 10.46 -10.10 12.36
CA ALA B 194 9.59 -11.22 12.72
C ALA B 194 8.13 -10.85 12.52
N CYS B 195 7.71 -9.65 12.96
CA CYS B 195 6.32 -9.24 12.74
C CYS B 195 5.97 -9.20 11.27
N THR B 196 6.83 -8.64 10.43
CA THR B 196 6.55 -8.57 9.00
C THR B 196 6.36 -9.98 8.42
N HIS B 197 7.19 -10.92 8.83
CA HIS B 197 7.05 -12.24 8.20
C HIS B 197 5.98 -13.09 8.87
N LEU B 198 5.69 -12.85 10.15
CA LEU B 198 4.51 -13.46 10.77
C LEU B 198 3.25 -13.06 10.02
N THR B 199 3.14 -11.77 9.66
CA THR B 199 2.07 -11.27 8.80
C THR B 199 1.91 -12.13 7.56
N LYS B 200 3.01 -12.34 6.84
CA LYS B 200 2.95 -13.09 5.59
C LYS B 200 2.56 -14.54 5.85
N SER B 201 3.09 -15.13 6.93
CA SER B 201 2.73 -16.52 7.22
C SER B 201 1.26 -16.66 7.61
N LEU B 202 0.77 -15.74 8.44
CA LEU B 202 -0.65 -15.80 8.82
C LEU B 202 -1.56 -15.50 7.64
N ALA B 203 -1.13 -14.66 6.69
CA ALA B 203 -1.93 -14.44 5.49
C ALA B 203 -2.23 -15.77 4.77
N VAL B 204 -1.24 -16.65 4.67
CA VAL B 204 -1.49 -17.94 4.04
C VAL B 204 -2.42 -18.80 4.88
N GLU B 205 -2.14 -18.89 6.19
CA GLU B 205 -2.92 -19.80 7.01
C GLU B 205 -4.36 -19.34 7.20
N TRP B 206 -4.60 -18.04 7.25
CA TRP B 206 -5.93 -17.54 7.53
C TRP B 206 -6.76 -17.24 6.28
N ALA B 207 -6.18 -17.41 5.10
CA ALA B 207 -6.77 -16.98 3.84
C ALA B 207 -8.23 -17.41 3.64
N PRO B 208 -8.66 -18.59 4.12
CA PRO B 208 -10.08 -18.93 3.97
C PRO B 208 -11.04 -17.98 4.69
N PHE B 209 -10.56 -17.19 5.66
CA PHE B 209 -11.48 -16.37 6.44
C PHE B 209 -10.98 -14.96 6.75
N ALA B 210 -9.77 -14.58 6.35
CA ALA B 210 -9.30 -13.25 6.73
C ALA B 210 -8.12 -12.84 5.87
N ARG B 211 -7.87 -11.53 5.84
CA ARG B 211 -6.66 -10.97 5.25
C ARG B 211 -5.74 -10.52 6.37
N VAL B 212 -4.43 -10.57 6.12
CA VAL B 212 -3.43 -10.13 7.09
C VAL B 212 -2.37 -9.31 6.34
N ASN B 213 -2.14 -8.07 6.79
CA ASN B 213 -1.17 -7.19 6.14
C ASN B 213 -0.44 -6.40 7.20
N CYS B 214 0.63 -5.73 6.79
CA CYS B 214 1.30 -4.86 7.75
C CYS B 214 1.56 -3.48 7.15
N VAL B 215 1.66 -2.49 8.03
CA VAL B 215 2.12 -1.15 7.70
C VAL B 215 3.50 -1.00 8.33
N SER B 216 4.47 -0.53 7.55
CA SER B 216 5.84 -0.32 8.03
C SER B 216 6.14 1.18 7.99
N PRO B 217 5.84 1.93 9.06
CA PRO B 217 6.16 3.36 9.06
C PRO B 217 7.66 3.60 9.13
N GLY B 218 8.05 4.74 8.56
CA GLY B 218 9.36 5.33 8.80
C GLY B 218 9.39 6.13 10.09
N TYR B 219 10.21 7.18 10.10
CA TYR B 219 10.28 8.05 11.27
C TYR B 219 9.03 8.92 11.33
N ILE B 220 8.21 8.72 12.36
CA ILE B 220 6.98 9.48 12.55
C ILE B 220 7.12 10.38 13.76
N ALA B 221 6.72 11.64 13.61
CA ALA B 221 6.80 12.62 14.69
C ALA B 221 5.75 12.36 15.78
N THR B 222 5.85 11.24 16.47
CA THR B 222 5.15 11.05 17.73
C THR B 222 6.00 11.59 18.88
N GLU B 223 5.38 11.69 20.06
CA GLU B 223 6.09 12.21 21.23
C GLU B 223 7.32 11.37 21.55
N ILE B 224 7.21 10.04 21.42
CA ILE B 224 8.30 9.14 21.80
C ILE B 224 9.60 9.51 21.10
N SER B 225 9.56 9.62 19.77
CA SER B 225 10.75 9.81 18.95
C SER B 225 11.06 11.28 18.69
N ASP B 226 10.48 12.20 19.45
CA ASP B 226 10.80 13.62 19.33
C ASP B 226 11.63 14.16 20.49
N PHE B 227 11.95 13.33 21.48
CA PHE B 227 12.88 13.72 22.52
C PHE B 227 14.30 13.25 22.23
N VAL B 228 14.54 12.71 21.03
CA VAL B 228 15.88 12.30 20.64
C VAL B 228 16.63 13.56 20.23
N GLU B 229 17.92 13.43 20.01
CA GLU B 229 18.81 14.56 19.94
C GLU B 229 18.78 15.20 18.56
N LYS B 230 18.98 16.54 18.56
CA LYS B 230 18.96 17.30 17.33
C LYS B 230 19.84 16.63 16.28
N ASP B 231 21.08 16.30 16.66
CA ASP B 231 22.04 15.79 15.70
C ASP B 231 21.64 14.42 15.18
N MET B 232 20.94 13.62 16.01
CA MET B 232 20.44 12.33 15.55
C MET B 232 19.34 12.50 14.52
N LYS B 233 18.31 13.28 14.86
CA LYS B 233 17.22 13.54 13.93
C LYS B 233 17.72 14.10 12.61
N ALA B 234 18.70 15.02 12.69
CA ALA B 234 19.21 15.65 11.48
C ALA B 234 19.77 14.60 10.52
N LYS B 235 20.45 13.59 11.06
CA LYS B 235 20.95 12.50 10.22
C LYS B 235 19.81 11.69 9.61
N TRP B 236 18.72 11.45 10.36
CA TRP B 236 17.57 10.78 9.77
C TRP B 236 17.03 11.58 8.58
N TRP B 237 16.88 12.90 8.75
CA TRP B 237 16.37 13.74 7.67
C TRP B 237 17.27 13.67 6.45
N GLN B 238 18.58 13.69 6.66
CA GLN B 238 19.53 13.67 5.53
C GLN B 238 19.42 12.40 4.69
N LEU B 239 19.00 11.30 5.30
CA LEU B 239 18.89 10.01 4.63
C LEU B 239 17.47 9.70 4.18
N THR B 240 16.51 10.61 4.43
CA THR B 240 15.12 10.41 4.02
C THR B 240 14.85 11.17 2.74
N PRO B 241 14.44 10.50 1.65
CA PRO B 241 14.24 11.20 0.38
C PRO B 241 13.28 12.37 0.42
N LEU B 242 12.21 12.31 1.23
CA LEU B 242 11.34 13.46 1.38
C LEU B 242 11.91 14.54 2.28
N GLY B 243 12.96 14.26 3.05
CA GLY B 243 13.68 15.30 3.79
C GLY B 243 13.08 15.66 5.13
N ARG B 244 12.24 14.79 5.71
CA ARG B 244 11.53 15.15 6.93
C ARG B 244 11.00 13.89 7.58
N GLU B 245 10.56 14.04 8.82
CA GLU B 245 9.76 12.98 9.42
C GLU B 245 8.32 13.06 8.93
N GLY B 246 7.56 11.96 9.15
CA GLY B 246 6.15 11.92 8.80
C GLY B 246 5.24 12.29 9.95
N LEU B 247 4.03 12.72 9.61
CA LEU B 247 2.99 13.01 10.59
C LEU B 247 2.15 11.76 10.78
N ALA B 248 1.51 11.64 11.96
CA ALA B 248 0.65 10.47 12.16
C ALA B 248 -0.54 10.49 11.21
N GLN B 249 -0.94 11.69 10.77
CA GLN B 249 -2.02 11.82 9.81
C GLN B 249 -1.62 11.33 8.41
N GLU B 250 -0.33 11.13 8.15
CA GLU B 250 0.10 10.56 6.88
C GLU B 250 0.07 9.03 6.90
N LEU B 251 -0.27 8.42 8.03
CA LEU B 251 -0.36 6.98 8.11
C LEU B 251 -1.79 6.47 8.00
N VAL B 252 -2.78 7.31 8.33
CA VAL B 252 -4.11 6.76 8.53
C VAL B 252 -4.74 6.28 7.24
N GLY B 253 -4.35 6.85 6.10
CA GLY B 253 -4.90 6.36 4.84
C GLY B 253 -4.49 4.93 4.55
N ALA B 254 -3.24 4.57 4.88
CA ALA B 254 -2.81 3.20 4.65
C ALA B 254 -3.53 2.23 5.58
N TYR B 255 -3.76 2.63 6.83
CA TYR B 255 -4.48 1.78 7.75
C TYR B 255 -5.94 1.61 7.32
N LEU B 256 -6.54 2.67 6.78
CA LEU B 256 -7.91 2.54 6.31
C LEU B 256 -7.99 1.73 5.04
N TYR B 257 -7.01 1.89 4.15
CA TYR B 257 -6.93 1.08 2.94
C TYR B 257 -6.98 -0.41 3.30
N LEU B 258 -6.13 -0.84 4.23
CA LEU B 258 -6.04 -2.27 4.53
C LEU B 258 -7.21 -2.77 5.35
N ALA B 259 -7.82 -1.89 6.14
CA ALA B 259 -8.92 -2.30 7.00
C ALA B 259 -10.20 -2.51 6.21
N SER B 260 -10.35 -1.81 5.09
CA SER B 260 -11.63 -1.69 4.40
C SER B 260 -11.72 -2.64 3.21
N ASN B 261 -12.86 -2.57 2.50
CA ASN B 261 -13.05 -3.33 1.27
C ASN B 261 -12.34 -2.72 0.08
N ALA B 262 -11.55 -1.67 0.30
CA ALA B 262 -10.71 -1.18 -0.76
C ALA B 262 -9.57 -2.14 -1.09
N SER B 263 -9.32 -3.13 -0.24
CA SER B 263 -8.13 -4.00 -0.37
C SER B 263 -8.50 -5.49 -0.28
N THR B 264 -9.60 -5.89 -0.92
CA THR B 264 -10.08 -7.27 -0.77
C THR B 264 -9.20 -8.32 -1.46
N TYR B 265 -8.32 -7.93 -2.39
CA TYR B 265 -7.34 -8.85 -2.96
C TYR B 265 -5.94 -8.63 -2.37
N THR B 266 -5.82 -7.84 -1.31
CA THR B 266 -4.51 -7.49 -0.76
C THR B 266 -4.29 -8.28 0.52
N THR B 267 -3.33 -9.20 0.50
CA THR B 267 -3.01 -9.95 1.71
C THR B 267 -1.54 -10.35 1.67
N GLY B 268 -0.95 -10.44 2.84
CA GLY B 268 0.47 -10.70 2.95
C GLY B 268 1.34 -9.54 2.49
N ALA B 269 0.75 -8.34 2.36
CA ALA B 269 1.49 -7.20 1.83
C ALA B 269 2.06 -6.35 2.95
N ASN B 270 3.13 -5.66 2.63
CA ASN B 270 3.80 -4.77 3.57
C ASN B 270 3.76 -3.40 2.90
N LEU B 271 3.00 -2.46 3.47
CA LEU B 271 2.89 -1.10 2.95
C LEU B 271 3.89 -0.21 3.68
N ALA B 272 4.92 0.21 2.96
CA ALA B 272 5.96 1.09 3.51
C ALA B 272 5.52 2.54 3.42
N VAL B 273 5.50 3.22 4.57
CA VAL B 273 5.16 4.63 4.60
C VAL B 273 6.29 5.35 5.30
N ASP B 274 7.36 5.69 4.55
CA ASP B 274 8.60 6.04 5.24
C ASP B 274 9.30 7.21 4.56
N GLY B 275 8.61 7.97 3.71
CA GLY B 275 9.24 9.08 3.02
C GLY B 275 10.32 8.65 2.05
N GLY B 276 10.30 7.40 1.62
CA GLY B 276 11.33 6.87 0.76
C GLY B 276 12.53 6.28 1.46
N TYR B 277 12.53 6.19 2.79
CA TYR B 277 13.76 5.90 3.52
C TYR B 277 14.40 4.58 3.10
N THR B 278 13.58 3.55 2.82
CA THR B 278 14.15 2.25 2.44
C THR B 278 14.69 2.21 1.02
N CYS B 279 14.63 3.32 0.27
CA CYS B 279 15.05 3.31 -1.13
C CYS B 279 16.56 3.51 -1.30
N PRO B 280 17.19 4.53 -0.66
CA PRO B 280 18.66 4.65 -0.74
C PRO B 280 19.41 3.49 -0.10
#